data_1J8Y
#
_entry.id   1J8Y
#
_cell.length_a   64.866
_cell.length_b   128.020
_cell.length_c   72.040
_cell.angle_alpha   90.00
_cell.angle_beta   90.00
_cell.angle_gamma   90.00
#
_symmetry.space_group_name_H-M   'C 2 2 21'
#
_entity_poly.entity_id   1
_entity_poly.type   'polypeptide(L)'
_entity_poly.pdbx_seq_one_letter_code
;SKLLDNLRDTVRKFLTGSSSYDKAVEDFIKELQKSLISADVNVKLVFSLTNKIKERLKNEKPPTYIERREWFIKIVYDEL
SNLFGGDKEPKVIPDKIPYVIMLVGVQGTGKATTAGKLAYFYKKKGFKVGLVGADVYRPAALEQLQQLGQQIGVPVYGEP
GEKDVVGIAKRGVEKFLSEKMEIIIVDTAGRHGYGEEAALLEEMKNIYEAIKPDEVTLVIDASIGQKAYDLASKFNQASK
IGTIIITKMDGTAKGGGALSAVAATGATIKFIGTGEKIDELEVFNPRRFVARLHHHH
;
_entity_poly.pdbx_strand_id   F
#
# COMPACT_ATOMS: atom_id res chain seq x y z
N LEU A 3 1.54 4.83 14.46
CA LEU A 3 2.31 3.68 15.02
C LEU A 3 3.80 3.97 15.12
N LEU A 4 4.41 4.33 13.98
CA LEU A 4 5.84 4.62 13.96
C LEU A 4 6.19 5.85 14.79
N ASP A 5 5.31 6.85 14.78
CA ASP A 5 5.56 8.06 15.57
C ASP A 5 5.53 7.71 17.04
N ASN A 6 4.67 6.76 17.41
CA ASN A 6 4.56 6.33 18.81
C ASN A 6 5.77 5.48 19.18
N LEU A 7 6.24 4.67 18.24
CA LEU A 7 7.41 3.81 18.44
C LEU A 7 8.64 4.70 18.68
N ARG A 8 8.62 5.87 18.06
CA ARG A 8 9.71 6.82 18.17
C ARG A 8 9.96 7.22 19.63
N ASP A 9 8.87 7.43 20.37
CA ASP A 9 9.00 7.83 21.76
C ASP A 9 9.42 6.64 22.63
N THR A 10 8.97 5.44 22.26
CA THR A 10 9.32 4.25 23.03
C THR A 10 10.82 4.00 22.87
N VAL A 11 11.32 4.15 21.64
CA VAL A 11 12.73 3.96 21.35
C VAL A 11 13.56 4.93 22.18
N ARG A 12 13.14 6.19 22.17
CA ARG A 12 13.83 7.25 22.91
C ARG A 12 13.94 6.90 24.39
N LYS A 13 12.83 6.50 25.00
CA LYS A 13 12.83 6.15 26.41
C LYS A 13 13.77 4.98 26.67
N PHE A 14 13.82 4.04 25.73
CA PHE A 14 14.69 2.90 25.87
C PHE A 14 16.16 3.29 25.80
N LEU A 15 16.53 4.06 24.78
CA LEU A 15 17.91 4.49 24.60
C LEU A 15 18.49 5.31 25.75
N THR A 16 17.67 6.17 26.36
CA THR A 16 18.15 6.96 27.47
C THR A 16 18.21 6.04 28.69
N GLY A 17 19.20 5.15 28.67
CA GLY A 17 19.41 4.17 29.73
C GLY A 17 18.94 4.52 31.12
N SER A 18 17.67 4.27 31.40
CA SER A 18 17.07 4.57 32.69
C SER A 18 17.35 3.45 33.71
N SER A 19 16.65 2.33 33.55
CA SER A 19 16.78 1.18 34.45
C SER A 19 17.76 0.12 33.91
N SER A 20 17.66 -1.08 34.47
CA SER A 20 18.52 -2.19 34.04
C SER A 20 18.21 -2.53 32.59
N TYR A 21 19.20 -3.07 31.90
CA TYR A 21 19.01 -3.45 30.51
C TYR A 21 17.81 -4.37 30.36
N ASP A 22 17.79 -5.47 31.12
CA ASP A 22 16.70 -6.44 31.06
C ASP A 22 15.31 -5.84 31.22
N LYS A 23 15.14 -5.01 32.24
CA LYS A 23 13.84 -4.38 32.46
C LYS A 23 13.53 -3.39 31.33
N ALA A 24 14.55 -2.69 30.86
CA ALA A 24 14.35 -1.73 29.78
C ALA A 24 13.80 -2.45 28.56
N VAL A 25 14.37 -3.62 28.27
CA VAL A 25 13.92 -4.43 27.14
C VAL A 25 12.49 -4.89 27.37
N GLU A 26 12.21 -5.38 28.57
CA GLU A 26 10.88 -5.86 28.90
C GLU A 26 9.84 -4.76 28.70
N ASP A 27 10.12 -3.60 29.28
CA ASP A 27 9.23 -2.47 29.16
C ASP A 27 9.02 -2.14 27.69
N PHE A 28 10.11 -2.08 26.93
CA PHE A 28 10.02 -1.75 25.51
C PHE A 28 9.17 -2.75 24.74
N ILE A 29 9.41 -4.04 24.94
CA ILE A 29 8.64 -5.04 24.23
C ILE A 29 7.14 -4.95 24.53
N LYS A 30 6.78 -4.71 25.79
CA LYS A 30 5.38 -4.59 26.16
C LYS A 30 4.74 -3.41 25.43
N GLU A 31 5.46 -2.29 25.37
CA GLU A 31 4.89 -1.14 24.68
C GLU A 31 4.77 -1.40 23.18
N LEU A 32 5.75 -2.08 22.61
CA LEU A 32 5.74 -2.40 21.19
C LEU A 32 4.51 -3.28 20.92
N GLN A 33 4.35 -4.32 21.73
CA GLN A 33 3.22 -5.24 21.57
C GLN A 33 1.90 -4.49 21.66
N LYS A 34 1.78 -3.62 22.67
CA LYS A 34 0.57 -2.84 22.85
C LYS A 34 0.29 -1.90 21.67
N SER A 35 1.33 -1.23 21.17
CA SER A 35 1.17 -0.32 20.04
C SER A 35 0.78 -1.05 18.78
N LEU A 36 1.37 -2.22 18.56
CA LEU A 36 1.05 -3.03 17.39
C LEU A 36 -0.40 -3.51 17.49
N ILE A 37 -0.80 -3.95 18.69
CA ILE A 37 -2.18 -4.41 18.87
C ILE A 37 -3.12 -3.26 18.54
N SER A 38 -2.79 -2.08 19.07
CA SER A 38 -3.60 -0.89 18.82
C SER A 38 -3.64 -0.54 17.33
N ALA A 39 -2.60 -0.91 16.59
CA ALA A 39 -2.51 -0.62 15.15
C ALA A 39 -3.27 -1.67 14.33
N ASP A 40 -3.96 -2.56 15.03
CA ASP A 40 -4.74 -3.63 14.42
C ASP A 40 -3.89 -4.70 13.73
N VAL A 41 -2.67 -4.89 14.22
CA VAL A 41 -1.81 -5.91 13.65
C VAL A 41 -2.26 -7.25 14.23
N ASN A 42 -2.40 -8.27 13.39
CA ASN A 42 -2.82 -9.58 13.88
C ASN A 42 -1.96 -9.99 15.07
N VAL A 43 -2.59 -10.40 16.16
CA VAL A 43 -1.86 -10.77 17.38
C VAL A 43 -0.82 -11.86 17.15
N LYS A 44 -1.12 -12.79 16.24
CA LYS A 44 -0.18 -13.86 15.92
C LYS A 44 1.11 -13.21 15.38
N LEU A 45 0.98 -12.21 14.52
CA LEU A 45 2.14 -11.53 13.97
C LEU A 45 2.90 -10.74 15.04
N VAL A 46 2.16 -10.16 15.98
CA VAL A 46 2.78 -9.40 17.06
C VAL A 46 3.64 -10.31 17.91
N PHE A 47 3.07 -11.46 18.25
CA PHE A 47 3.72 -12.48 19.07
C PHE A 47 4.99 -13.01 18.38
N SER A 48 4.87 -13.36 17.11
CA SER A 48 6.00 -13.88 16.35
C SER A 48 7.11 -12.83 16.24
N LEU A 49 6.71 -11.59 16.02
CA LEU A 49 7.68 -10.50 15.89
C LEU A 49 8.53 -10.33 17.15
N THR A 50 7.87 -10.21 18.30
CA THR A 50 8.61 -10.02 19.53
C THR A 50 9.43 -11.26 19.91
N ASN A 51 8.95 -12.45 19.55
CA ASN A 51 9.70 -13.64 19.88
C ASN A 51 10.95 -13.72 19.00
N LYS A 52 10.82 -13.28 17.75
CA LYS A 52 11.95 -13.30 16.84
C LYS A 52 12.99 -12.30 17.34
N ILE A 53 12.52 -11.14 17.78
CA ILE A 53 13.42 -10.12 18.31
C ILE A 53 14.17 -10.66 19.52
N LYS A 54 13.45 -11.32 20.43
CA LYS A 54 14.09 -11.88 21.63
C LYS A 54 15.10 -12.95 21.27
N GLU A 55 14.79 -13.73 20.25
CA GLU A 55 15.68 -14.81 19.82
C GLU A 55 16.98 -14.23 19.25
N ARG A 56 16.85 -13.34 18.27
CA ARG A 56 18.02 -12.72 17.67
C ARG A 56 18.91 -12.10 18.73
N LEU A 57 18.28 -11.49 19.74
CA LEU A 57 18.97 -10.82 20.82
C LEU A 57 19.81 -11.79 21.68
N LYS A 58 19.46 -13.07 21.67
CA LYS A 58 20.21 -14.06 22.45
C LYS A 58 21.29 -14.76 21.63
N ASN A 59 21.12 -14.79 20.32
CA ASN A 59 22.08 -15.45 19.45
C ASN A 59 23.05 -14.49 18.75
N GLU A 60 22.72 -13.20 18.75
CA GLU A 60 23.56 -12.20 18.08
C GLU A 60 24.05 -11.12 19.02
N LYS A 61 25.27 -11.26 19.52
CA LYS A 61 25.80 -10.25 20.43
C LYS A 61 26.10 -9.00 19.61
N PRO A 62 26.15 -7.84 20.26
CA PRO A 62 26.44 -6.62 19.49
C PRO A 62 27.85 -6.68 18.90
N PRO A 63 28.03 -6.16 17.67
CA PRO A 63 29.37 -6.19 17.10
C PRO A 63 30.23 -5.28 17.98
N THR A 64 31.55 -5.47 17.98
CA THR A 64 32.41 -4.64 18.80
C THR A 64 32.18 -3.16 18.50
N TYR A 65 32.27 -2.33 19.52
CA TYR A 65 32.07 -0.88 19.41
C TYR A 65 30.60 -0.45 19.42
N ILE A 66 29.70 -1.41 19.22
CA ILE A 66 28.27 -1.11 19.21
C ILE A 66 27.63 -1.37 20.57
N GLU A 67 27.03 -0.33 21.14
CA GLU A 67 26.38 -0.43 22.44
C GLU A 67 25.24 -1.46 22.41
N ARG A 68 24.99 -2.09 23.56
CA ARG A 68 23.94 -3.09 23.68
C ARG A 68 22.56 -2.52 23.37
N ARG A 69 22.28 -1.30 23.83
CA ARG A 69 20.96 -0.73 23.59
C ARG A 69 20.77 -0.32 22.13
N GLU A 70 21.84 0.20 21.50
CA GLU A 70 21.77 0.58 20.09
C GLU A 70 21.54 -0.70 19.28
N TRP A 71 22.23 -1.77 19.66
CA TRP A 71 22.11 -3.03 18.94
C TRP A 71 20.67 -3.57 19.03
N PHE A 72 20.08 -3.48 20.21
CA PHE A 72 18.71 -3.94 20.40
C PHE A 72 17.76 -3.24 19.43
N ILE A 73 17.85 -1.91 19.39
CA ILE A 73 17.00 -1.12 18.51
C ILE A 73 17.22 -1.44 17.03
N LYS A 74 18.48 -1.67 16.65
CA LYS A 74 18.79 -2.00 15.27
C LYS A 74 18.03 -3.27 14.90
N ILE A 75 18.03 -4.25 15.80
CA ILE A 75 17.31 -5.49 15.55
C ILE A 75 15.81 -5.21 15.48
N VAL A 76 15.32 -4.34 16.36
CA VAL A 76 13.90 -3.99 16.36
C VAL A 76 13.50 -3.36 15.01
N TYR A 77 14.29 -2.42 14.49
CA TYR A 77 13.99 -1.78 13.20
C TYR A 77 14.01 -2.82 12.08
N ASP A 78 15.01 -3.71 12.11
CA ASP A 78 15.11 -4.75 11.07
C ASP A 78 13.85 -5.59 11.01
N GLU A 79 13.38 -6.01 12.17
CA GLU A 79 12.18 -6.86 12.22
C GLU A 79 10.89 -6.13 11.90
N LEU A 80 10.84 -4.82 12.19
CA LEU A 80 9.65 -4.04 11.88
C LEU A 80 9.56 -3.97 10.36
N SER A 81 10.70 -3.75 9.72
CA SER A 81 10.73 -3.69 8.27
C SER A 81 10.22 -5.01 7.69
N ASN A 82 10.66 -6.12 8.28
CA ASN A 82 10.23 -7.45 7.83
C ASN A 82 8.72 -7.58 8.03
N LEU A 83 8.23 -7.17 9.19
CA LEU A 83 6.80 -7.23 9.47
C LEU A 83 6.00 -6.58 8.34
N PHE A 84 6.55 -5.52 7.74
CA PHE A 84 5.86 -4.83 6.66
C PHE A 84 6.23 -5.28 5.25
N GLY A 85 7.00 -6.36 5.14
CA GLY A 85 7.36 -6.84 3.81
C GLY A 85 8.84 -6.97 3.55
N GLY A 86 9.67 -6.33 4.36
CA GLY A 86 11.09 -6.41 4.18
C GLY A 86 11.65 -5.40 3.19
N ASP A 87 12.98 -5.34 3.13
CA ASP A 87 13.68 -4.42 2.26
C ASP A 87 13.40 -4.76 0.80
N LYS A 88 12.59 -3.93 0.15
CA LYS A 88 12.27 -4.17 -1.25
C LYS A 88 11.85 -2.90 -1.96
N GLU A 89 12.51 -2.61 -3.07
CA GLU A 89 12.20 -1.43 -3.86
C GLU A 89 11.42 -1.90 -5.09
N PRO A 90 10.14 -1.51 -5.19
CA PRO A 90 9.31 -1.93 -6.33
C PRO A 90 9.68 -1.23 -7.64
N LYS A 91 9.30 -1.86 -8.75
CA LYS A 91 9.54 -1.31 -10.08
C LYS A 91 8.35 -0.41 -10.39
N VAL A 92 8.57 0.90 -10.39
CA VAL A 92 7.47 1.82 -10.65
C VAL A 92 7.48 2.44 -12.03
N ILE A 93 8.59 2.31 -12.74
CA ILE A 93 8.67 2.87 -14.08
C ILE A 93 8.59 1.73 -15.11
N PRO A 94 7.49 1.68 -15.88
CA PRO A 94 7.33 0.63 -16.89
C PRO A 94 8.31 0.74 -18.05
N ASP A 95 8.77 -0.40 -18.54
CA ASP A 95 9.70 -0.43 -19.68
C ASP A 95 8.96 -0.93 -20.92
N LYS A 96 7.63 -0.87 -20.86
CA LYS A 96 6.79 -1.29 -21.98
C LYS A 96 5.76 -0.20 -22.23
N ILE A 97 5.75 0.33 -23.44
CA ILE A 97 4.80 1.36 -23.84
C ILE A 97 4.04 0.84 -25.04
N PRO A 98 2.71 0.98 -25.05
CA PRO A 98 1.94 1.60 -23.98
C PRO A 98 1.80 0.65 -22.77
N TYR A 99 1.48 1.23 -21.62
CA TYR A 99 1.33 0.45 -20.40
C TYR A 99 -0.08 0.72 -19.84
N VAL A 100 -0.88 -0.35 -19.73
CA VAL A 100 -2.24 -0.23 -19.22
C VAL A 100 -2.35 -0.75 -17.79
N ILE A 101 -2.81 0.13 -16.90
CA ILE A 101 -2.97 -0.19 -15.50
C ILE A 101 -4.45 -0.20 -15.15
N MET A 102 -4.90 -1.30 -14.57
CA MET A 102 -6.28 -1.42 -14.17
C MET A 102 -6.36 -1.38 -12.66
N LEU A 103 -7.02 -0.36 -12.13
CA LEU A 103 -7.21 -0.23 -10.69
C LEU A 103 -8.52 -0.90 -10.33
N VAL A 104 -8.51 -1.66 -9.23
CA VAL A 104 -9.70 -2.35 -8.76
C VAL A 104 -9.74 -2.26 -7.24
N GLY A 105 -10.87 -2.65 -6.66
CA GLY A 105 -10.99 -2.61 -5.22
C GLY A 105 -12.45 -2.53 -4.79
N VAL A 106 -12.67 -2.60 -3.48
CA VAL A 106 -14.02 -2.51 -2.93
C VAL A 106 -14.50 -1.06 -2.99
N GLN A 107 -15.81 -0.87 -2.93
CA GLN A 107 -16.39 0.46 -2.96
C GLN A 107 -15.79 1.35 -1.87
N GLY A 108 -15.07 2.38 -2.27
CA GLY A 108 -14.48 3.30 -1.31
C GLY A 108 -13.08 2.98 -0.83
N THR A 113 -9.42 9.19 -6.36
CA THR A 113 -8.31 10.08 -6.03
C THR A 113 -7.01 9.35 -6.35
N THR A 114 -6.97 8.06 -5.99
CA THR A 114 -5.79 7.23 -6.22
C THR A 114 -5.46 7.19 -7.71
N ALA A 115 -6.49 7.08 -8.55
CA ALA A 115 -6.29 7.05 -9.99
C ALA A 115 -5.68 8.39 -10.44
N GLY A 116 -6.20 9.48 -9.90
CA GLY A 116 -5.67 10.78 -10.23
C GLY A 116 -4.23 10.92 -9.75
N LYS A 117 -3.97 10.46 -8.54
CA LYS A 117 -2.62 10.55 -7.97
C LYS A 117 -1.63 9.71 -8.78
N LEU A 118 -2.07 8.54 -9.22
CA LEU A 118 -1.20 7.68 -10.00
C LEU A 118 -0.86 8.34 -11.34
N ALA A 119 -1.86 8.94 -11.98
CA ALA A 119 -1.65 9.61 -13.26
C ALA A 119 -0.73 10.83 -13.08
N TYR A 120 -0.87 11.51 -11.95
CA TYR A 120 -0.04 12.67 -11.64
C TYR A 120 1.41 12.21 -11.50
N PHE A 121 1.60 11.12 -10.76
CA PHE A 121 2.92 10.55 -10.54
C PHE A 121 3.60 10.27 -11.87
N TYR A 122 2.89 9.64 -12.79
CA TYR A 122 3.50 9.32 -14.07
C TYR A 122 3.68 10.53 -14.98
N LYS A 123 2.78 11.50 -14.90
CA LYS A 123 2.92 12.69 -15.72
C LYS A 123 4.19 13.43 -15.27
N LYS A 124 4.43 13.47 -13.96
CA LYS A 124 5.60 14.14 -13.42
C LYS A 124 6.87 13.45 -13.91
N LYS A 125 6.77 12.15 -14.20
CA LYS A 125 7.91 11.40 -14.69
C LYS A 125 8.13 11.64 -16.18
N GLY A 126 7.23 12.41 -16.80
CA GLY A 126 7.35 12.72 -18.21
C GLY A 126 6.54 11.87 -19.17
N PHE A 127 5.65 11.05 -18.65
CA PHE A 127 4.82 10.18 -19.49
C PHE A 127 3.54 10.84 -19.99
N LYS A 128 3.05 10.35 -21.13
CA LYS A 128 1.80 10.83 -21.70
C LYS A 128 0.77 9.88 -21.11
N VAL A 129 -0.02 10.39 -20.18
CA VAL A 129 -1.02 9.56 -19.49
C VAL A 129 -2.46 9.85 -19.91
N GLY A 130 -3.26 8.79 -19.88
CA GLY A 130 -4.67 8.90 -20.21
C GLY A 130 -5.45 8.21 -19.10
N LEU A 131 -6.52 8.84 -18.62
CA LEU A 131 -7.35 8.27 -17.56
C LEU A 131 -8.72 7.82 -18.06
N VAL A 132 -9.13 6.63 -17.65
CA VAL A 132 -10.44 6.11 -18.03
C VAL A 132 -11.30 5.95 -16.78
N GLY A 133 -12.40 6.70 -16.72
CA GLY A 133 -13.27 6.63 -15.57
C GLY A 133 -14.34 5.56 -15.74
N ALA A 134 -14.06 4.36 -15.22
CA ALA A 134 -15.01 3.25 -15.35
C ALA A 134 -15.60 2.80 -14.03
N ASP A 135 -15.70 3.72 -13.07
CA ASP A 135 -16.28 3.43 -11.77
C ASP A 135 -17.69 4.02 -11.86
N VAL A 136 -18.59 3.25 -12.45
CA VAL A 136 -19.97 3.69 -12.69
C VAL A 136 -20.92 3.67 -11.48
N TYR A 137 -20.70 2.72 -10.60
CA TYR A 137 -21.54 2.59 -9.41
C TYR A 137 -21.63 3.96 -8.74
N ARG A 138 -20.46 4.54 -8.44
CA ARG A 138 -20.41 5.85 -7.83
C ARG A 138 -20.66 6.86 -8.95
N PRO A 139 -21.79 7.57 -8.90
CA PRO A 139 -22.12 8.55 -9.94
C PRO A 139 -21.17 9.75 -9.93
N ALA A 140 -20.80 10.20 -8.73
CA ALA A 140 -19.91 11.34 -8.59
C ALA A 140 -18.48 10.99 -9.02
N ALA A 141 -18.17 9.69 -9.07
CA ALA A 141 -16.84 9.24 -9.46
C ALA A 141 -16.33 9.91 -10.75
N LEU A 142 -17.05 9.73 -11.85
CA LEU A 142 -16.65 10.31 -13.12
C LEU A 142 -16.41 11.81 -13.05
N GLU A 143 -17.34 12.55 -12.47
CA GLU A 143 -17.20 14.00 -12.35
C GLU A 143 -15.91 14.33 -11.61
N GLN A 144 -15.71 13.66 -10.47
CA GLN A 144 -14.52 13.87 -9.66
C GLN A 144 -13.27 13.62 -10.51
N LEU A 145 -13.24 12.48 -11.19
CA LEU A 145 -12.09 12.11 -12.03
C LEU A 145 -11.83 13.22 -13.05
N GLN A 146 -12.87 13.64 -13.75
CA GLN A 146 -12.72 14.69 -14.74
C GLN A 146 -12.13 15.95 -14.12
N GLN A 147 -12.47 16.22 -12.86
CA GLN A 147 -11.96 17.39 -12.16
C GLN A 147 -10.46 17.22 -11.88
N LEU A 148 -10.08 16.06 -11.36
CA LEU A 148 -8.67 15.80 -11.08
C LEU A 148 -7.89 15.89 -12.40
N GLY A 149 -8.46 15.31 -13.46
CA GLY A 149 -7.81 15.31 -14.75
C GLY A 149 -7.58 16.71 -15.31
N GLN A 150 -8.58 17.57 -15.16
CA GLN A 150 -8.51 18.95 -15.62
C GLN A 150 -7.44 19.68 -14.81
N GLN A 151 -7.44 19.40 -13.51
CA GLN A 151 -6.50 20.01 -12.58
C GLN A 151 -5.04 19.65 -12.84
N ILE A 152 -4.78 18.42 -13.27
CA ILE A 152 -3.41 18.00 -13.52
C ILE A 152 -3.01 17.92 -14.98
N GLY A 153 -3.91 18.31 -15.88
CA GLY A 153 -3.61 18.27 -17.29
C GLY A 153 -3.46 16.89 -17.91
N VAL A 154 -4.31 15.95 -17.50
CA VAL A 154 -4.29 14.60 -18.03
C VAL A 154 -5.69 14.33 -18.57
N PRO A 155 -5.78 13.79 -19.79
CA PRO A 155 -7.04 13.49 -20.46
C PRO A 155 -7.85 12.42 -19.71
N VAL A 156 -9.14 12.66 -19.58
CA VAL A 156 -10.02 11.71 -18.90
C VAL A 156 -11.14 11.26 -19.82
N TYR A 157 -11.24 9.95 -20.05
CA TYR A 157 -12.31 9.41 -20.88
C TYR A 157 -13.41 8.89 -19.96
N GLY A 158 -14.65 9.19 -20.29
CA GLY A 158 -15.76 8.73 -19.48
C GLY A 158 -17.06 8.83 -20.23
N GLU A 159 -18.08 8.09 -19.80
CA GLU A 159 -19.39 8.10 -20.44
C GLU A 159 -20.48 8.35 -19.41
N PRO A 160 -20.90 9.61 -19.27
CA PRO A 160 -21.94 10.00 -18.31
C PRO A 160 -23.18 9.09 -18.33
N GLY A 161 -23.53 8.57 -17.16
CA GLY A 161 -24.71 7.71 -17.04
C GLY A 161 -24.54 6.28 -17.50
N GLU A 162 -23.46 5.98 -18.22
CA GLU A 162 -23.24 4.61 -18.68
C GLU A 162 -22.89 3.70 -17.51
N LYS A 163 -23.45 2.49 -17.50
CA LYS A 163 -23.18 1.55 -16.42
C LYS A 163 -22.50 0.27 -16.90
N ASP A 164 -22.27 0.17 -18.20
CA ASP A 164 -21.58 -0.98 -18.76
C ASP A 164 -20.09 -0.73 -18.54
N VAL A 165 -19.60 -1.06 -17.35
CA VAL A 165 -18.20 -0.85 -17.00
C VAL A 165 -17.25 -1.42 -18.05
N VAL A 166 -17.51 -2.63 -18.53
CA VAL A 166 -16.66 -3.26 -19.53
C VAL A 166 -16.66 -2.50 -20.85
N GLY A 167 -17.81 -1.96 -21.23
CA GLY A 167 -17.90 -1.21 -22.47
C GLY A 167 -17.13 0.09 -22.39
N ILE A 168 -17.20 0.75 -21.23
CA ILE A 168 -16.49 2.01 -21.02
C ILE A 168 -14.98 1.79 -21.05
N ALA A 169 -14.52 0.80 -20.29
CA ALA A 169 -13.10 0.47 -20.22
C ALA A 169 -12.54 0.14 -21.60
N LYS A 170 -13.27 -0.68 -22.35
CA LYS A 170 -12.83 -1.05 -23.68
C LYS A 170 -12.75 0.15 -24.62
N ARG A 171 -13.81 0.94 -24.68
CA ARG A 171 -13.80 2.11 -25.55
C ARG A 171 -12.75 3.12 -25.08
N GLY A 172 -12.63 3.32 -23.78
CA GLY A 172 -11.65 4.26 -23.26
C GLY A 172 -10.22 3.85 -23.58
N VAL A 173 -9.88 2.59 -23.34
CA VAL A 173 -8.54 2.11 -23.62
C VAL A 173 -8.25 2.19 -25.11
N GLU A 174 -9.24 1.77 -25.91
CA GLU A 174 -9.10 1.81 -27.37
C GLU A 174 -8.83 3.24 -27.84
N LYS A 175 -9.53 4.20 -27.26
CA LYS A 175 -9.36 5.60 -27.62
C LYS A 175 -7.94 6.08 -27.30
N PHE A 176 -7.47 5.78 -26.09
CA PHE A 176 -6.13 6.22 -25.71
C PHE A 176 -5.01 5.49 -26.43
N LEU A 177 -5.24 4.23 -26.77
CA LEU A 177 -4.24 3.47 -27.52
C LEU A 177 -4.08 4.11 -28.89
N SER A 178 -5.18 4.61 -29.44
CA SER A 178 -5.16 5.24 -30.76
C SER A 178 -4.42 6.58 -30.70
N GLU A 179 -4.60 7.30 -29.60
CA GLU A 179 -3.95 8.58 -29.41
C GLU A 179 -2.49 8.40 -29.03
N LYS A 180 -2.08 7.14 -28.98
CA LYS A 180 -0.71 6.77 -28.64
C LYS A 180 -0.27 7.22 -27.26
N MET A 181 -1.16 7.07 -26.29
CA MET A 181 -0.85 7.43 -24.91
C MET A 181 0.18 6.41 -24.45
N GLU A 182 1.05 6.80 -23.50
CA GLU A 182 2.08 5.89 -23.00
C GLU A 182 1.62 5.09 -21.78
N ILE A 183 0.88 5.73 -20.90
CA ILE A 183 0.36 5.05 -19.73
C ILE A 183 -1.13 5.31 -19.67
N ILE A 184 -1.91 4.25 -19.54
CA ILE A 184 -3.36 4.35 -19.48
C ILE A 184 -3.83 3.71 -18.18
N ILE A 185 -4.52 4.51 -17.37
CA ILE A 185 -5.02 4.05 -16.09
C ILE A 185 -6.54 3.96 -16.12
N VAL A 186 -7.03 2.75 -15.84
CA VAL A 186 -8.47 2.50 -15.84
C VAL A 186 -8.97 2.37 -14.40
N ASP A 187 -9.87 3.29 -14.03
CA ASP A 187 -10.40 3.28 -12.70
C ASP A 187 -11.70 2.47 -12.66
N THR A 188 -11.72 1.44 -11.83
CA THR A 188 -12.90 0.59 -11.69
C THR A 188 -13.09 0.37 -10.19
N ALA A 189 -14.25 -0.12 -9.80
CA ALA A 189 -14.50 -0.37 -8.40
C ALA A 189 -14.86 -1.83 -8.14
N GLY A 190 -16.13 -2.08 -7.84
CA GLY A 190 -16.61 -3.43 -7.57
C GLY A 190 -17.91 -3.36 -6.80
N ARG A 191 -18.75 -4.39 -6.89
CA ARG A 191 -20.03 -4.41 -6.20
C ARG A 191 -19.99 -4.98 -4.78
N HIS A 192 -18.83 -5.50 -4.37
CA HIS A 192 -18.72 -6.08 -3.04
C HIS A 192 -17.69 -5.49 -2.11
N GLY A 193 -17.85 -5.79 -0.82
CA GLY A 193 -16.93 -5.29 0.18
C GLY A 193 -16.11 -6.40 0.80
N TYR A 194 -15.39 -6.06 1.87
CA TYR A 194 -14.55 -7.02 2.55
C TYR A 194 -15.40 -8.11 3.21
N GLY A 195 -15.04 -9.36 2.95
CA GLY A 195 -15.79 -10.48 3.48
C GLY A 195 -16.49 -11.20 2.33
N GLU A 196 -16.44 -10.60 1.15
CA GLU A 196 -17.07 -11.15 -0.04
C GLU A 196 -16.03 -11.24 -1.16
N GLU A 197 -14.77 -11.40 -0.76
CA GLU A 197 -13.66 -11.48 -1.70
C GLU A 197 -13.88 -12.38 -2.91
N ALA A 198 -14.39 -13.58 -2.69
CA ALA A 198 -14.63 -14.51 -3.80
C ALA A 198 -15.43 -13.86 -4.93
N ALA A 199 -16.56 -13.26 -4.57
CA ALA A 199 -17.42 -12.62 -5.57
C ALA A 199 -16.76 -11.36 -6.13
N LEU A 200 -15.99 -10.67 -5.29
CA LEU A 200 -15.32 -9.45 -5.74
C LEU A 200 -14.34 -9.79 -6.86
N LEU A 201 -13.46 -10.74 -6.61
CA LEU A 201 -12.48 -11.14 -7.61
C LEU A 201 -13.15 -11.68 -8.88
N GLU A 202 -14.17 -12.51 -8.69
CA GLU A 202 -14.92 -13.07 -9.80
C GLU A 202 -15.36 -11.94 -10.73
N GLU A 203 -16.01 -10.94 -10.15
CA GLU A 203 -16.50 -9.78 -10.89
C GLU A 203 -15.40 -9.02 -11.65
N MET A 204 -14.16 -9.11 -11.17
CA MET A 204 -13.03 -8.43 -11.80
C MET A 204 -12.65 -9.03 -13.15
N LYS A 205 -12.68 -10.35 -13.22
CA LYS A 205 -12.32 -11.12 -14.41
C LYS A 205 -12.85 -10.61 -15.75
N ASN A 206 -14.14 -10.26 -15.81
CA ASN A 206 -14.73 -9.79 -17.06
C ASN A 206 -14.08 -8.53 -17.60
N ILE A 207 -13.87 -7.55 -16.73
CA ILE A 207 -13.25 -6.30 -17.13
C ILE A 207 -11.82 -6.60 -17.60
N TYR A 208 -11.11 -7.35 -16.79
CA TYR A 208 -9.72 -7.73 -17.08
C TYR A 208 -9.56 -8.35 -18.47
N GLU A 209 -10.44 -9.27 -18.82
CA GLU A 209 -10.40 -9.94 -20.11
C GLU A 209 -10.58 -8.99 -21.28
N ALA A 210 -11.45 -8.00 -21.12
CA ALA A 210 -11.71 -7.05 -22.19
C ALA A 210 -10.59 -6.04 -22.41
N ILE A 211 -9.88 -5.71 -21.34
CA ILE A 211 -8.80 -4.73 -21.41
C ILE A 211 -7.39 -5.31 -21.45
N LYS A 212 -7.22 -6.53 -20.94
CA LYS A 212 -5.92 -7.18 -20.93
C LYS A 212 -4.85 -6.21 -20.47
N PRO A 213 -4.99 -5.70 -19.23
CA PRO A 213 -4.00 -4.76 -18.70
C PRO A 213 -2.64 -5.40 -18.44
N ASP A 214 -1.62 -4.57 -18.40
CA ASP A 214 -0.26 -5.01 -18.14
C ASP A 214 -0.09 -5.14 -16.63
N GLU A 215 -0.94 -4.44 -15.89
CA GLU A 215 -0.87 -4.48 -14.44
C GLU A 215 -2.25 -4.24 -13.84
N VAL A 216 -2.52 -4.95 -12.76
CA VAL A 216 -3.79 -4.82 -12.04
C VAL A 216 -3.38 -4.39 -10.64
N THR A 217 -3.96 -3.28 -10.18
CA THR A 217 -3.60 -2.77 -8.87
C THR A 217 -4.81 -2.67 -7.97
N LEU A 218 -4.75 -3.40 -6.87
CA LEU A 218 -5.82 -3.41 -5.89
C LEU A 218 -5.57 -2.25 -4.94
N VAL A 219 -6.56 -1.38 -4.79
CA VAL A 219 -6.44 -0.24 -3.89
C VAL A 219 -7.12 -0.60 -2.59
N ILE A 220 -6.39 -0.44 -1.49
CA ILE A 220 -6.93 -0.76 -0.17
C ILE A 220 -6.84 0.43 0.77
N ASP A 221 -7.97 0.77 1.38
CA ASP A 221 -8.00 1.87 2.34
C ASP A 221 -7.40 1.33 3.64
N ALA A 222 -6.36 1.99 4.13
CA ALA A 222 -5.68 1.58 5.34
C ALA A 222 -6.58 1.36 6.56
N SER A 223 -7.76 1.98 6.56
CA SER A 223 -8.67 1.87 7.69
C SER A 223 -9.23 0.47 7.89
N ILE A 224 -9.09 -0.38 6.88
CA ILE A 224 -9.59 -1.75 6.99
C ILE A 224 -8.71 -2.57 7.93
N GLY A 225 -7.48 -2.09 8.16
CA GLY A 225 -6.57 -2.81 9.04
C GLY A 225 -6.26 -4.23 8.59
N GLN A 226 -6.12 -5.15 9.55
CA GLN A 226 -5.80 -6.53 9.24
C GLN A 226 -6.85 -7.28 8.44
N LYS A 227 -8.05 -6.73 8.35
CA LYS A 227 -9.11 -7.40 7.58
C LYS A 227 -8.82 -7.39 6.09
N ALA A 228 -7.79 -6.66 5.69
CA ALA A 228 -7.42 -6.58 4.28
C ALA A 228 -6.76 -7.89 3.85
N TYR A 229 -6.36 -8.69 4.81
CA TYR A 229 -5.70 -9.97 4.53
C TYR A 229 -6.36 -10.85 3.49
N ASP A 230 -7.59 -11.26 3.76
CA ASP A 230 -8.34 -12.14 2.86
C ASP A 230 -8.37 -11.67 1.41
N LEU A 231 -8.78 -10.43 1.16
CA LEU A 231 -8.84 -9.93 -0.20
C LEU A 231 -7.46 -9.88 -0.83
N ALA A 232 -6.47 -9.34 -0.12
CA ALA A 232 -5.13 -9.24 -0.66
C ALA A 232 -4.58 -10.62 -1.01
N SER A 233 -4.80 -11.58 -0.13
CA SER A 233 -4.30 -12.94 -0.35
C SER A 233 -4.86 -13.53 -1.64
N LYS A 234 -6.19 -13.55 -1.75
CA LYS A 234 -6.82 -14.11 -2.93
C LYS A 234 -6.48 -13.30 -4.19
N PHE A 235 -6.38 -11.98 -4.04
CA PHE A 235 -6.06 -11.14 -5.20
C PHE A 235 -4.68 -11.47 -5.76
N ASN A 236 -3.68 -11.48 -4.89
CA ASN A 236 -2.31 -11.75 -5.32
C ASN A 236 -2.10 -13.10 -5.95
N GLN A 237 -2.86 -14.09 -5.51
CA GLN A 237 -2.73 -15.43 -6.08
C GLN A 237 -3.43 -15.47 -7.44
N ALA A 238 -4.47 -14.66 -7.58
CA ALA A 238 -5.27 -14.58 -8.80
C ALA A 238 -4.54 -14.16 -10.08
N SER A 239 -3.42 -13.47 -9.95
CA SER A 239 -2.67 -13.06 -11.14
C SER A 239 -1.20 -12.81 -10.86
N LYS A 240 -0.39 -12.91 -11.91
CA LYS A 240 1.05 -12.69 -11.80
C LYS A 240 1.38 -11.23 -12.00
N ILE A 241 0.41 -10.42 -12.39
CA ILE A 241 0.66 -9.00 -12.62
C ILE A 241 -0.08 -8.10 -11.64
N GLY A 242 -0.33 -8.62 -10.44
CA GLY A 242 -1.04 -7.84 -9.45
C GLY A 242 -0.15 -7.09 -8.46
N THR A 243 -0.53 -5.86 -8.15
CA THR A 243 0.19 -5.05 -7.19
C THR A 243 -0.84 -4.37 -6.31
N ILE A 244 -0.40 -3.81 -5.20
CA ILE A 244 -1.31 -3.18 -4.27
C ILE A 244 -0.87 -1.77 -3.85
N ILE A 245 -1.86 -0.92 -3.63
CA ILE A 245 -1.63 0.43 -3.17
C ILE A 245 -2.46 0.56 -1.89
N ILE A 246 -1.83 1.00 -0.82
CA ILE A 246 -2.54 1.21 0.44
C ILE A 246 -2.73 2.71 0.58
N THR A 247 -3.98 3.15 0.63
CA THR A 247 -4.28 4.57 0.73
C THR A 247 -4.70 5.03 2.12
N LYS A 248 -4.78 6.35 2.28
CA LYS A 248 -5.19 6.99 3.52
C LYS A 248 -4.50 6.45 4.76
N MET A 249 -3.19 6.31 4.67
CA MET A 249 -2.40 5.82 5.79
C MET A 249 -2.43 6.76 6.99
N ASP A 250 -2.67 8.05 6.76
CA ASP A 250 -2.70 9.01 7.85
C ASP A 250 -4.09 9.27 8.42
N GLY A 251 -5.11 8.74 7.76
CA GLY A 251 -6.48 8.94 8.24
C GLY A 251 -6.96 7.81 9.14
N THR A 252 -6.03 6.99 9.63
CA THR A 252 -6.38 5.87 10.49
C THR A 252 -5.24 5.46 11.40
N ALA A 253 -5.57 4.72 12.44
CA ALA A 253 -4.56 4.23 13.36
C ALA A 253 -4.29 2.77 13.03
N LYS A 254 -4.98 2.25 12.02
CA LYS A 254 -4.85 0.85 11.63
C LYS A 254 -3.95 0.57 10.43
N GLY A 255 -3.18 1.58 10.02
CA GLY A 255 -2.28 1.42 8.89
C GLY A 255 -1.31 0.27 9.10
N GLY A 256 -0.81 0.12 10.33
CA GLY A 256 0.12 -0.96 10.63
C GLY A 256 -0.52 -2.33 10.39
N GLY A 257 -1.80 -2.44 10.73
CA GLY A 257 -2.52 -3.68 10.54
C GLY A 257 -2.71 -3.99 9.07
N ALA A 258 -3.04 -2.97 8.29
CA ALA A 258 -3.24 -3.15 6.86
C ALA A 258 -1.93 -3.56 6.18
N LEU A 259 -0.85 -2.85 6.49
CA LEU A 259 0.46 -3.15 5.89
C LEU A 259 0.93 -4.54 6.25
N SER A 260 0.89 -4.87 7.53
CA SER A 260 1.35 -6.18 7.99
C SER A 260 0.47 -7.29 7.43
N ALA A 261 -0.82 -7.04 7.31
CA ALA A 261 -1.74 -8.04 6.77
C ALA A 261 -1.41 -8.29 5.30
N VAL A 262 -1.19 -7.22 4.56
CA VAL A 262 -0.87 -7.35 3.14
C VAL A 262 0.52 -7.97 2.97
N ALA A 263 1.47 -7.55 3.78
CA ALA A 263 2.82 -8.10 3.71
C ALA A 263 2.81 -9.61 3.97
N ALA A 264 1.90 -10.07 4.82
CA ALA A 264 1.79 -11.49 5.16
C ALA A 264 1.38 -12.35 3.96
N THR A 265 0.88 -11.71 2.91
CA THR A 265 0.48 -12.43 1.69
C THR A 265 1.64 -12.42 0.69
N GLY A 266 2.68 -11.66 0.99
CA GLY A 266 3.82 -11.55 0.10
C GLY A 266 3.56 -10.67 -1.11
N ALA A 267 2.38 -10.06 -1.16
CA ALA A 267 2.03 -9.21 -2.30
C ALA A 267 2.93 -7.98 -2.37
N THR A 268 3.03 -7.43 -3.57
CA THR A 268 3.85 -6.25 -3.81
C THR A 268 3.08 -4.95 -3.56
N ILE A 269 3.43 -4.24 -2.48
CA ILE A 269 2.80 -2.95 -2.20
C ILE A 269 3.72 -1.96 -2.90
N LYS A 270 3.26 -1.43 -4.03
CA LYS A 270 4.08 -0.50 -4.81
C LYS A 270 4.05 0.94 -4.32
N PHE A 271 2.88 1.43 -3.94
CA PHE A 271 2.72 2.80 -3.46
C PHE A 271 1.89 2.81 -2.19
N ILE A 272 2.03 3.90 -1.45
CA ILE A 272 1.27 4.12 -0.25
C ILE A 272 0.70 5.54 -0.40
N GLY A 273 -0.58 5.70 -0.10
CA GLY A 273 -1.20 7.01 -0.20
C GLY A 273 -1.15 7.64 1.17
N THR A 274 -0.45 8.77 1.28
CA THR A 274 -0.33 9.42 2.58
C THR A 274 -1.43 10.44 2.84
N GLY A 275 -1.38 11.59 2.18
CA GLY A 275 -2.39 12.60 2.40
C GLY A 275 -3.45 12.68 1.30
N GLU A 276 -4.29 13.70 1.37
CA GLU A 276 -5.35 13.88 0.37
C GLU A 276 -4.89 14.72 -0.81
N LYS A 277 -3.67 15.25 -0.73
CA LYS A 277 -3.15 16.06 -1.82
C LYS A 277 -2.73 15.20 -3.01
N ILE A 278 -2.92 15.75 -4.20
CA ILE A 278 -2.63 15.06 -5.45
C ILE A 278 -1.22 14.47 -5.56
N ASP A 279 -0.26 15.08 -4.87
CA ASP A 279 1.12 14.60 -4.93
C ASP A 279 1.47 13.67 -3.77
N GLU A 280 0.49 13.35 -2.93
CA GLU A 280 0.75 12.49 -1.80
C GLU A 280 0.59 10.99 -2.06
N LEU A 281 1.48 10.50 -2.91
CA LEU A 281 1.53 9.09 -3.27
C LEU A 281 3.03 8.85 -3.31
N GLU A 282 3.51 7.86 -2.55
CA GLU A 282 4.93 7.58 -2.50
C GLU A 282 5.25 6.13 -2.80
N VAL A 283 6.40 5.92 -3.41
CA VAL A 283 6.86 4.57 -3.73
C VAL A 283 7.16 3.95 -2.36
N PHE A 284 6.63 2.75 -2.14
CA PHE A 284 6.79 2.08 -0.87
C PHE A 284 7.86 1.01 -0.76
N ASN A 285 8.66 1.12 0.28
CA ASN A 285 9.70 0.17 0.61
C ASN A 285 9.70 0.11 2.14
N PRO A 286 9.29 -1.03 2.71
CA PRO A 286 9.24 -1.23 4.17
C PRO A 286 10.47 -0.69 4.90
N ARG A 287 11.65 -0.94 4.34
CA ARG A 287 12.88 -0.46 4.98
C ARG A 287 12.90 1.05 5.07
N ARG A 288 12.53 1.73 3.98
CA ARG A 288 12.53 3.19 3.98
C ARG A 288 11.39 3.73 4.84
N PHE A 289 10.27 3.03 4.81
CA PHE A 289 9.10 3.43 5.59
C PHE A 289 9.49 3.45 7.08
N VAL A 290 10.18 2.40 7.50
CA VAL A 290 10.62 2.28 8.89
C VAL A 290 11.80 3.18 9.22
N ALA A 291 12.63 3.51 8.23
CA ALA A 291 13.79 4.36 8.43
C ALA A 291 13.45 5.81 8.78
N ARG A 292 12.27 6.26 8.40
CA ARG A 292 11.84 7.62 8.66
C ARG A 292 12.00 8.06 10.12
N LEU A 293 11.71 7.14 11.04
CA LEU A 293 11.81 7.47 12.47
C LEU A 293 13.14 7.15 13.15
N HIS A 294 14.19 6.85 12.38
CA HIS A 294 15.46 6.51 13.02
C HIS A 294 15.87 7.58 14.03
N HIS A 295 16.25 7.14 15.22
CA HIS A 295 16.66 8.04 16.29
C HIS A 295 17.95 8.82 16.03
N HIS A 296 18.72 8.45 15.02
CA HIS A 296 19.96 9.18 14.76
C HIS A 296 19.91 10.29 13.73
N HIS A 297 18.73 10.76 13.38
CA HIS A 297 18.63 11.87 12.43
C HIS A 297 17.58 12.91 12.86
#